data_6HPV
#
_entry.id   6HPV
#
_cell.length_a   67.710
_cell.length_b   67.710
_cell.length_c   197.810
_cell.angle_alpha   90.00
_cell.angle_beta   90.00
_cell.angle_gamma   90.00
#
_symmetry.space_group_name_H-M   'P 41 21 2'
#
loop_
_entity.id
_entity.type
_entity.pdbx_description
1 polymer Fetuin-B
2 non-polymer 2-acetamido-2-deoxy-beta-D-glucopyranose
3 non-polymer 'ACETATE ION'
4 water water
#
_entity_poly.entity_id   1
_entity_poly.type   'polypeptide(L)'
_entity_poly.pdbx_seq_one_letter_code
;RSPPAPPLPQRPLSPLHPLGCNDSEVLAVAGFALQNINRDQKDGYMLSLNRVHDVREHYQEDMGSLFYLTLDVLETDCHV
LSRKAQKDCKPRMFYESVYGQCKAMFHINKPRRVLYLPAYNCTLRPVSKRKTHTTCPDCPSPIDLSNPSALEAATESLAK
FNSKSPSKKYELVKVTKAMNQWVSGPAYYVEYLIKEAPCTKSQASCSLQHSDSEPVGICQGSTVQSSLRHVPLIQPVEKS
VTVTCEFFESQAQVPGDENPAVTQGPQKLPQKNTAPTSSPSVTAPRGSIQHLPELDDEKPEESKGGSPEEAFPVQLDLTT
NPQGDTLDVSFLYLEPGDKKLVVLPFPGKEQRSAECPGPEKENNPLVLPPLEHHHHHH
;
_entity_poly.pdbx_strand_id   A
#
# COMPACT_ATOMS: atom_id res chain seq x y z
N LEU A 13 -17.73 -1.02 20.41
CA LEU A 13 -18.05 -1.16 21.82
C LEU A 13 -18.76 0.10 22.32
N SER A 14 -19.22 0.06 23.57
CA SER A 14 -19.98 1.18 24.13
C SER A 14 -19.31 2.53 23.92
N PRO A 15 -18.03 2.72 24.22
CA PRO A 15 -17.41 4.04 23.99
C PRO A 15 -17.00 4.30 22.55
N LEU A 16 -17.04 3.28 21.68
CA LEU A 16 -16.71 3.46 20.28
C LEU A 16 -17.92 4.07 19.58
N HIS A 17 -17.83 5.36 19.24
CA HIS A 17 -18.92 6.07 18.59
C HIS A 17 -18.73 6.01 17.08
N PRO A 18 -19.69 5.49 16.31
CA PRO A 18 -19.52 5.46 14.86
C PRO A 18 -19.63 6.85 14.24
N LEU A 19 -18.88 7.04 13.16
CA LEU A 19 -18.85 8.31 12.45
C LEU A 19 -19.19 8.09 10.98
N GLY A 20 -19.57 9.18 10.31
CA GLY A 20 -19.81 9.11 8.88
C GLY A 20 -18.51 9.03 8.11
N CYS A 21 -18.50 8.16 7.09
CA CYS A 21 -17.29 7.91 6.32
C CYS A 21 -16.95 9.05 5.36
N ASN A 22 -17.81 10.05 5.21
CA ASN A 22 -17.57 11.18 4.34
C ASN A 22 -17.21 12.44 5.12
N ASP A 23 -17.00 12.33 6.42
CA ASP A 23 -16.68 13.50 7.23
C ASP A 23 -15.26 13.99 6.96
N SER A 24 -15.09 15.31 6.98
CA SER A 24 -13.78 15.89 6.68
C SER A 24 -12.71 15.37 7.62
N GLU A 25 -12.99 15.40 8.93
CA GLU A 25 -12.03 14.91 9.90
C GLU A 25 -11.68 13.45 9.63
N VAL A 26 -12.68 12.64 9.29
CA VAL A 26 -12.45 11.21 9.05
C VAL A 26 -11.57 11.02 7.81
N LEU A 27 -11.89 11.71 6.73
CA LEU A 27 -11.11 11.54 5.50
C LEU A 27 -9.69 12.05 5.67
N ALA A 28 -9.51 13.14 6.41
CA ALA A 28 -8.17 13.66 6.67
C ALA A 28 -7.36 12.69 7.51
N VAL A 29 -7.96 12.16 8.58
CA VAL A 29 -7.25 11.21 9.44
C VAL A 29 -6.95 9.94 8.66
N ALA A 30 -7.85 9.53 7.77
CA ALA A 30 -7.58 8.36 6.93
C ALA A 30 -6.39 8.61 6.01
N GLY A 31 -6.31 9.80 5.43
CA GLY A 31 -5.15 10.13 4.61
C GLY A 31 -3.86 10.08 5.40
N PHE A 32 -3.88 10.67 6.60
CA PHE A 32 -2.70 10.61 7.46
C PHE A 32 -2.31 9.15 7.74
N ALA A 33 -3.29 8.33 8.09
CA ALA A 33 -3.01 6.94 8.43
C ALA A 33 -2.43 6.18 7.25
N LEU A 34 -2.94 6.44 6.04
CA LEU A 34 -2.47 5.71 4.87
C LEU A 34 -1.07 6.15 4.46
N GLN A 35 -0.78 7.45 4.55
CA GLN A 35 0.59 7.87 4.24
C GLN A 35 1.56 7.37 5.30
N ASN A 36 1.11 7.25 6.55
CA ASN A 36 1.94 6.62 7.57
C ASN A 36 2.21 5.16 7.23
N ILE A 37 1.18 4.42 6.82
CA ILE A 37 1.35 3.04 6.40
C ILE A 37 2.38 2.97 5.27
N ASN A 38 2.22 3.82 4.26
CA ASN A 38 3.14 3.80 3.12
C ASN A 38 4.57 4.06 3.57
N ARG A 39 4.76 5.03 4.47
CA ARG A 39 6.11 5.31 4.97
C ARG A 39 6.68 4.12 5.72
N ASP A 40 5.83 3.38 6.44
CA ASP A 40 6.30 2.24 7.20
C ASP A 40 6.65 1.03 6.33
N GLN A 41 6.37 1.09 5.03
CA GLN A 41 6.63 -0.04 4.14
C GLN A 41 7.99 0.13 3.47
N LYS A 42 8.66 -1.01 3.26
CA LYS A 42 9.91 -1.06 2.52
C LYS A 42 9.87 -2.08 1.39
N ASP A 43 8.71 -2.70 1.14
CA ASP A 43 8.50 -3.60 0.02
C ASP A 43 7.17 -3.28 -0.65
N GLY A 44 7.09 -3.58 -1.94
CA GLY A 44 5.84 -3.39 -2.66
C GLY A 44 5.66 -1.96 -3.13
N TYR A 45 4.41 -1.63 -3.43
CA TYR A 45 4.06 -0.39 -4.09
C TYR A 45 3.12 0.45 -3.22
N MET A 46 3.21 1.76 -3.40
CA MET A 46 2.44 2.69 -2.58
C MET A 46 0.95 2.49 -2.76
N LEU A 47 0.21 2.58 -1.65
CA LEU A 47 -1.24 2.41 -1.67
C LEU A 47 -1.94 3.76 -1.78
N SER A 48 -3.11 3.73 -2.41
CA SER A 48 -3.94 4.92 -2.60
C SER A 48 -5.30 4.69 -1.97
N LEU A 49 -5.87 5.75 -1.43
CA LEU A 49 -7.15 5.68 -0.72
C LEU A 49 -8.29 5.82 -1.71
N ASN A 50 -9.18 4.82 -1.73
CA ASN A 50 -10.40 4.93 -2.52
C ASN A 50 -11.56 5.47 -1.70
N ARG A 51 -11.71 5.01 -0.47
CA ARG A 51 -12.74 5.52 0.43
C ARG A 51 -12.52 4.93 1.82
N VAL A 52 -13.23 5.48 2.80
CA VAL A 52 -13.29 4.91 4.13
C VAL A 52 -14.49 3.98 4.18
N HIS A 53 -14.24 2.70 4.46
CA HIS A 53 -15.33 1.73 4.52
C HIS A 53 -16.10 1.82 5.83
N ASP A 54 -15.43 2.18 6.92
CA ASP A 54 -16.04 2.26 8.23
C ASP A 54 -15.08 3.00 9.15
N VAL A 55 -15.63 3.63 10.18
CA VAL A 55 -14.82 4.39 11.12
C VAL A 55 -15.56 4.48 12.45
N ARG A 56 -14.87 4.16 13.54
CA ARG A 56 -15.35 4.35 14.89
C ARG A 56 -14.32 5.17 15.66
N GLU A 57 -14.80 6.07 16.53
CA GLU A 57 -13.93 6.97 17.28
C GLU A 57 -14.13 6.73 18.77
N HIS A 58 -13.02 6.56 19.49
CA HIS A 58 -13.01 6.51 20.95
C HIS A 58 -12.40 7.82 21.44
N TYR A 59 -13.24 8.74 21.91
CA TYR A 59 -12.77 10.01 22.44
C TYR A 59 -12.37 9.84 23.90
N GLN A 60 -11.25 10.49 24.28
CA GLN A 60 -10.69 10.32 25.61
C GLN A 60 -10.39 11.65 26.32
N GLU A 61 -10.85 12.77 25.76
CA GLU A 61 -11.09 14.03 26.45
C GLU A 61 -9.87 14.84 26.89
N ASP A 62 -8.71 14.20 27.03
CA ASP A 62 -7.43 14.90 27.11
C ASP A 62 -6.32 14.16 26.38
N MET A 63 -6.44 12.84 26.23
CA MET A 63 -5.59 12.05 25.37
C MET A 63 -6.10 12.02 23.95
N GLY A 64 -7.02 12.92 23.60
CA GLY A 64 -7.48 13.03 22.24
C GLY A 64 -8.41 11.87 21.88
N SER A 65 -8.31 11.43 20.63
CA SER A 65 -9.14 10.36 20.10
C SER A 65 -8.29 9.24 19.56
N LEU A 66 -8.89 8.06 19.46
CA LEU A 66 -8.33 6.93 18.74
C LEU A 66 -9.35 6.47 17.72
N PHE A 67 -8.98 6.50 16.44
CA PHE A 67 -9.88 6.14 15.36
C PHE A 67 -9.62 4.70 14.94
N TYR A 68 -10.69 3.92 14.82
CA TYR A 68 -10.63 2.54 14.31
C TYR A 68 -11.14 2.59 12.88
N LEU A 69 -10.21 2.55 11.92
CA LEU A 69 -10.51 2.83 10.52
C LEU A 69 -10.45 1.57 9.69
N THR A 70 -11.43 1.42 8.78
CA THR A 70 -11.41 0.41 7.74
C THR A 70 -11.36 1.12 6.40
N LEU A 71 -10.31 0.87 5.63
CA LEU A 71 -10.01 1.65 4.42
C LEU A 71 -10.02 0.75 3.19
N ASP A 72 -10.64 1.25 2.13
CA ASP A 72 -10.59 0.61 0.81
C ASP A 72 -9.47 1.24 0.00
N VAL A 73 -8.48 0.42 -0.39
CA VAL A 73 -7.24 0.93 -0.95
C VAL A 73 -6.98 0.30 -2.32
N LEU A 74 -6.19 1.00 -3.12
CA LEU A 74 -5.75 0.57 -4.44
C LEU A 74 -4.24 0.74 -4.55
N GLU A 75 -3.58 -0.23 -5.18
CA GLU A 75 -2.14 -0.15 -5.39
C GLU A 75 -1.83 0.78 -6.56
N THR A 76 -0.83 1.64 -6.36
CA THR A 76 -0.36 2.54 -7.40
C THR A 76 0.87 1.94 -8.08
N ASP A 77 1.42 2.69 -9.04
CA ASP A 77 2.60 2.24 -9.79
C ASP A 77 3.89 2.87 -9.25
N CYS A 78 3.86 3.44 -8.05
CA CYS A 78 5.04 3.93 -7.39
C CYS A 78 5.51 2.91 -6.36
N HIS A 79 6.79 2.56 -6.40
CA HIS A 79 7.34 1.72 -5.35
C HIS A 79 7.48 2.52 -4.06
N VAL A 80 7.26 1.85 -2.94
CA VAL A 80 7.28 2.53 -1.65
C VAL A 80 8.64 3.19 -1.40
N LEU A 81 9.72 2.59 -1.92
CA LEU A 81 11.05 3.14 -1.71
C LEU A 81 11.26 4.44 -2.47
N SER A 82 10.44 4.72 -3.49
CA SER A 82 10.53 6.01 -4.16
C SER A 82 10.06 7.13 -3.25
N ARG A 83 9.19 6.83 -2.29
CA ARG A 83 8.71 7.81 -1.32
C ARG A 83 8.09 9.02 -2.01
N LYS A 84 7.60 8.83 -3.23
CA LYS A 84 7.02 9.93 -3.99
C LYS A 84 5.77 10.45 -3.29
N ALA A 85 5.30 11.60 -3.76
CA ALA A 85 4.09 12.19 -3.21
C ALA A 85 2.86 11.44 -3.68
N GLN A 86 1.86 11.35 -2.81
CA GLN A 86 0.61 10.66 -3.15
C GLN A 86 0.02 11.17 -4.45
N LYS A 87 0.34 12.39 -4.86
CA LYS A 87 -0.25 12.99 -6.05
C LYS A 87 0.60 12.79 -7.31
N ASP A 88 1.72 12.09 -7.21
CA ASP A 88 2.48 11.63 -8.36
C ASP A 88 2.30 10.15 -8.62
N CYS A 89 1.30 9.52 -7.99
CA CYS A 89 1.15 8.08 -7.98
C CYS A 89 -0.32 7.73 -8.14
N LYS A 90 -0.69 7.23 -9.30
CA LYS A 90 -2.08 6.92 -9.58
C LYS A 90 -2.32 5.42 -9.50
N PRO A 91 -3.56 5.01 -9.23
CA PRO A 91 -3.87 3.57 -9.20
C PRO A 91 -3.50 2.91 -10.52
N ARG A 92 -3.09 1.65 -10.43
CA ARG A 92 -2.77 0.89 -11.63
C ARG A 92 -4.00 0.75 -12.52
N MET A 93 -3.76 0.47 -13.79
CA MET A 93 -4.87 0.26 -14.72
C MET A 93 -5.51 -1.10 -14.46
N PHE A 94 -6.77 -1.21 -14.90
CA PHE A 94 -7.65 -2.25 -14.37
C PHE A 94 -7.08 -3.65 -14.58
N TYR A 95 -6.41 -3.89 -15.71
CA TYR A 95 -5.92 -5.23 -16.01
C TYR A 95 -4.76 -5.66 -15.12
N GLU A 96 -4.14 -4.73 -14.39
CA GLU A 96 -3.05 -5.05 -13.48
C GLU A 96 -3.34 -4.54 -12.08
N SER A 97 -4.63 -4.42 -11.75
CA SER A 97 -5.04 -3.80 -10.51
C SER A 97 -4.73 -4.70 -9.31
N VAL A 98 -4.45 -4.06 -8.17
CA VAL A 98 -4.26 -4.74 -6.90
C VAL A 98 -4.97 -3.90 -5.85
N TYR A 99 -5.91 -4.51 -5.12
CA TYR A 99 -6.77 -3.78 -4.22
C TYR A 99 -7.10 -4.62 -2.99
N GLY A 100 -7.72 -3.98 -2.01
CA GLY A 100 -8.05 -4.66 -0.77
C GLY A 100 -8.47 -3.67 0.30
N GLN A 101 -8.19 -4.02 1.55
CA GLN A 101 -8.57 -3.18 2.67
C GLN A 101 -7.43 -3.10 3.68
N CYS A 102 -7.31 -1.94 4.32
CA CYS A 102 -6.44 -1.75 5.48
C CYS A 102 -7.31 -1.42 6.68
N LYS A 103 -6.97 -2.00 7.83
CA LYS A 103 -7.48 -1.53 9.11
C LYS A 103 -6.38 -0.76 9.81
N ALA A 104 -6.75 0.37 10.41
CA ALA A 104 -5.78 1.21 11.10
C ALA A 104 -6.40 1.75 12.38
N MET A 105 -5.58 1.77 13.43
CA MET A 105 -5.93 2.44 14.68
C MET A 105 -5.05 3.67 14.79
N PHE A 106 -5.64 4.85 14.54
CA PHE A 106 -4.90 6.09 14.43
C PHE A 106 -5.26 7.00 15.60
N HIS A 107 -4.24 7.54 16.25
CA HIS A 107 -4.39 8.41 17.41
C HIS A 107 -4.09 9.84 17.02
N ILE A 108 -4.99 10.76 17.38
CA ILE A 108 -4.78 12.18 17.13
C ILE A 108 -5.20 12.95 18.38
N ASN A 109 -4.43 13.99 18.70
CA ASN A 109 -4.71 14.86 19.84
C ASN A 109 -4.51 16.30 19.35
N LYS A 110 -5.60 16.94 18.94
CA LYS A 110 -5.48 18.24 18.28
C LYS A 110 -4.86 19.31 19.19
N PRO A 111 -5.35 19.52 20.41
CA PRO A 111 -4.74 20.59 21.24
C PRO A 111 -3.25 20.44 21.42
N ARG A 112 -2.72 19.22 21.44
CA ARG A 112 -1.29 18.98 21.58
C ARG A 112 -0.60 18.77 20.24
N ARG A 113 -1.34 18.74 19.13
CA ARG A 113 -0.75 18.63 17.80
C ARG A 113 0.02 17.33 17.65
N VAL A 114 -0.60 16.22 18.05
CA VAL A 114 0.05 14.91 18.08
C VAL A 114 -0.67 13.98 17.12
N LEU A 115 0.10 13.27 16.30
CA LEU A 115 -0.39 12.22 15.42
C LEU A 115 0.42 10.96 15.67
N TYR A 116 -0.25 9.80 15.59
CA TYR A 116 0.45 8.54 15.86
C TYR A 116 -0.40 7.39 15.36
N LEU A 117 0.25 6.44 14.66
CA LEU A 117 -0.38 5.23 14.13
C LEU A 117 0.14 4.02 14.89
N PRO A 118 -0.43 3.67 16.05
CA PRO A 118 0.12 2.56 16.83
C PRO A 118 0.03 1.20 16.15
N ALA A 119 -0.95 0.98 15.27
CA ALA A 119 -1.11 -0.34 14.68
C ALA A 119 -1.93 -0.25 13.40
N TYR A 120 -1.63 -1.15 12.47
CA TYR A 120 -2.36 -1.25 11.22
C TYR A 120 -2.19 -2.65 10.66
N ASN A 121 -2.91 -2.94 9.58
CA ASN A 121 -2.81 -4.21 8.88
C ASN A 121 -3.59 -4.09 7.57
N CYS A 122 -3.03 -4.63 6.49
CA CYS A 122 -3.66 -4.57 5.18
C CYS A 122 -3.68 -5.95 4.55
N THR A 123 -4.76 -6.24 3.82
CA THR A 123 -4.90 -7.46 3.04
C THR A 123 -5.25 -7.09 1.61
N LEU A 124 -4.39 -7.49 0.66
CA LEU A 124 -4.57 -7.15 -0.73
C LEU A 124 -4.64 -8.41 -1.58
N ARG A 125 -5.35 -8.30 -2.70
CA ARG A 125 -5.42 -9.35 -3.70
C ARG A 125 -5.29 -8.73 -5.08
N PRO A 126 -4.68 -9.42 -6.04
CA PRO A 126 -4.76 -8.96 -7.43
C PRO A 126 -6.14 -9.21 -7.99
N VAL A 127 -6.55 -8.35 -8.93
CA VAL A 127 -7.86 -8.51 -9.53
C VAL A 127 -7.94 -9.88 -10.20
N SER A 128 -9.14 -10.46 -10.21
CA SER A 128 -9.33 -11.78 -10.80
C SER A 128 -9.03 -11.73 -12.29
N LYS A 129 -8.18 -12.64 -12.75
CA LYS A 129 -7.88 -12.72 -14.17
C LYS A 129 -9.10 -13.06 -15.00
N ARG A 130 -10.05 -13.81 -14.43
CA ARG A 130 -11.27 -14.13 -15.15
C ARG A 130 -12.07 -12.86 -15.44
N LYS A 131 -12.23 -11.99 -14.45
CA LYS A 131 -12.98 -10.76 -14.65
C LYS A 131 -12.30 -9.85 -15.67
N THR A 132 -10.98 -9.70 -15.56
CA THR A 132 -10.23 -8.95 -16.56
C THR A 132 -10.48 -9.50 -17.96
N HIS A 133 -10.28 -10.82 -18.13
CA HIS A 133 -10.51 -11.44 -19.43
C HIS A 133 -11.93 -11.17 -19.92
N THR A 134 -12.89 -11.14 -19.01
CA THR A 134 -14.27 -10.85 -19.41
C THR A 134 -14.41 -9.43 -19.92
N THR A 135 -13.75 -8.46 -19.27
CA THR A 135 -13.88 -7.07 -19.71
C THR A 135 -12.90 -6.69 -20.81
N CYS A 136 -11.75 -7.35 -20.88
CA CYS A 136 -10.70 -7.00 -21.84
C CYS A 136 -9.88 -8.24 -22.15
N PRO A 137 -10.36 -9.11 -23.05
CA PRO A 137 -9.70 -10.39 -23.25
C PRO A 137 -8.29 -10.28 -23.85
N ASP A 138 -7.96 -9.17 -24.50
CA ASP A 138 -6.66 -9.01 -25.14
C ASP A 138 -5.72 -8.10 -24.37
N CYS A 139 -6.12 -7.64 -23.18
CA CYS A 139 -5.26 -6.80 -22.37
C CYS A 139 -3.99 -7.55 -21.98
N PRO A 140 -2.92 -6.82 -21.65
CA PRO A 140 -1.76 -7.48 -21.02
C PRO A 140 -2.19 -8.20 -19.76
N SER A 141 -1.39 -9.21 -19.38
N SER A 141 -1.39 -9.21 -19.38
CA SER A 141 -1.73 -10.07 -18.25
CA SER A 141 -1.73 -10.07 -18.25
C SER A 141 -0.55 -10.12 -17.28
C SER A 141 -0.55 -10.12 -17.28
N PRO A 142 -0.76 -9.88 -15.99
CA PRO A 142 0.29 -10.14 -15.01
C PRO A 142 0.67 -11.62 -15.03
N ILE A 143 1.93 -11.90 -14.71
CA ILE A 143 2.44 -13.26 -14.65
C ILE A 143 3.24 -13.42 -13.37
N ASP A 144 3.53 -14.68 -13.04
CA ASP A 144 4.31 -14.97 -11.85
C ASP A 144 5.66 -14.26 -11.92
N LEU A 145 6.05 -13.65 -10.80
CA LEU A 145 7.31 -12.90 -10.76
C LEU A 145 8.51 -13.81 -10.98
N SER A 146 8.38 -15.10 -10.71
CA SER A 146 9.45 -16.06 -10.96
C SER A 146 9.36 -16.69 -12.34
N ASN A 147 8.46 -16.22 -13.19
CA ASN A 147 8.35 -16.72 -14.55
C ASN A 147 9.71 -16.68 -15.23
N PRO A 148 10.12 -17.76 -15.92
CA PRO A 148 11.45 -17.71 -16.57
C PRO A 148 11.62 -16.55 -17.52
N SER A 149 10.61 -16.25 -18.33
CA SER A 149 10.73 -15.14 -19.27
C SER A 149 10.85 -13.79 -18.54
N ALA A 150 10.17 -13.64 -17.41
CA ALA A 150 10.28 -12.40 -16.64
C ALA A 150 11.69 -12.25 -16.08
N LEU A 151 12.24 -13.32 -15.49
CA LEU A 151 13.59 -13.28 -14.99
C LEU A 151 14.59 -13.00 -16.10
N GLU A 152 14.35 -13.56 -17.30
CA GLU A 152 15.24 -13.32 -18.43
C GLU A 152 15.18 -11.86 -18.87
N ALA A 153 13.97 -11.29 -18.92
CA ALA A 153 13.84 -9.87 -19.26
C ALA A 153 14.59 -9.01 -18.26
N ALA A 154 14.41 -9.29 -16.96
CA ALA A 154 15.14 -8.55 -15.94
C ALA A 154 16.65 -8.65 -16.15
N THR A 155 17.15 -9.88 -16.28
CA THR A 155 18.58 -10.11 -16.45
C THR A 155 19.13 -9.32 -17.63
N GLU A 156 18.50 -9.46 -18.80
CA GLU A 156 19.06 -8.87 -20.01
C GLU A 156 18.92 -7.35 -20.01
N SER A 157 17.80 -6.82 -19.50
CA SER A 157 17.66 -5.38 -19.39
C SER A 157 18.70 -4.79 -18.47
N LEU A 158 18.94 -5.43 -17.32
CA LEU A 158 19.97 -4.94 -16.41
C LEU A 158 21.35 -5.05 -17.04
N ALA A 159 21.59 -6.11 -17.82
CA ALA A 159 22.87 -6.26 -18.49
C ALA A 159 23.12 -5.10 -19.45
N LYS A 160 22.10 -4.74 -20.24
CA LYS A 160 22.23 -3.58 -21.14
C LYS A 160 22.49 -2.30 -20.35
N PHE A 161 21.67 -2.06 -19.32
CA PHE A 161 21.84 -0.85 -18.51
C PHE A 161 23.26 -0.75 -17.96
N ASN A 162 23.80 -1.86 -17.46
CA ASN A 162 25.18 -1.86 -16.99
C ASN A 162 26.15 -1.63 -18.14
N SER A 163 25.87 -2.19 -19.32
CA SER A 163 26.72 -1.98 -20.47
C SER A 163 26.89 -0.50 -20.76
N LYS A 164 25.87 0.32 -20.49
CA LYS A 164 25.95 1.75 -20.73
C LYS A 164 26.22 2.55 -19.45
N SER A 165 26.82 1.92 -18.44
CA SER A 165 27.28 2.61 -17.24
C SER A 165 28.80 2.43 -17.13
N PRO A 166 29.61 3.45 -17.45
CA PRO A 166 31.05 3.24 -17.52
C PRO A 166 31.69 2.90 -16.19
N SER A 167 31.37 3.65 -15.14
CA SER A 167 32.00 3.49 -13.84
C SER A 167 31.17 2.61 -12.90
N LYS A 168 29.91 2.98 -12.67
CA LYS A 168 29.06 2.27 -11.72
C LYS A 168 28.38 1.08 -12.36
N LYS A 169 28.34 -0.03 -11.64
CA LYS A 169 27.65 -1.23 -12.07
C LYS A 169 26.67 -1.65 -10.98
N TYR A 170 25.55 -2.25 -11.39
CA TYR A 170 24.46 -2.57 -10.48
C TYR A 170 24.08 -4.04 -10.61
N GLU A 171 23.50 -4.56 -9.54
CA GLU A 171 23.07 -5.95 -9.46
C GLU A 171 21.57 -6.02 -9.18
N LEU A 172 20.96 -7.11 -9.62
CA LEU A 172 19.53 -7.31 -9.40
C LEU A 172 19.24 -7.65 -7.95
N VAL A 173 18.13 -7.15 -7.44
CA VAL A 173 17.65 -7.48 -6.10
C VAL A 173 16.47 -8.42 -6.17
N LYS A 174 15.39 -8.00 -6.82
CA LYS A 174 14.21 -8.85 -6.96
C LYS A 174 13.31 -8.28 -8.04
N VAL A 175 12.64 -9.17 -8.78
CA VAL A 175 11.58 -8.75 -9.68
C VAL A 175 10.36 -8.40 -8.85
N THR A 176 9.84 -7.18 -9.03
CA THR A 176 8.69 -6.70 -8.28
C THR A 176 7.40 -6.68 -9.09
N LYS A 177 7.49 -6.83 -10.41
CA LYS A 177 6.31 -6.79 -11.27
C LYS A 177 6.68 -7.45 -12.59
N ALA A 178 5.74 -8.23 -13.13
CA ALA A 178 5.96 -8.91 -14.39
C ALA A 178 4.65 -8.95 -15.16
N MET A 179 4.76 -8.88 -16.48
CA MET A 179 3.59 -8.76 -17.33
C MET A 179 3.91 -9.31 -18.71
N ASN A 180 2.89 -9.90 -19.34
CA ASN A 180 3.01 -10.50 -20.65
C ASN A 180 2.00 -9.88 -21.61
N GLN A 181 2.43 -9.66 -22.85
CA GLN A 181 1.54 -9.16 -23.88
C GLN A 181 2.19 -9.40 -25.23
N TRP A 182 1.42 -9.14 -26.29
CA TRP A 182 1.84 -9.41 -27.66
C TRP A 182 2.17 -8.07 -28.32
N VAL A 183 3.44 -7.90 -28.71
CA VAL A 183 3.88 -6.76 -29.50
C VAL A 183 4.61 -7.35 -30.70
N SER A 184 3.86 -7.61 -31.78
CA SER A 184 4.40 -8.31 -32.94
C SER A 184 5.22 -9.53 -32.50
N GLY A 185 4.71 -10.24 -31.49
CA GLY A 185 5.41 -11.37 -30.92
C GLY A 185 5.34 -11.35 -29.39
N PRO A 186 5.79 -12.43 -28.76
CA PRO A 186 5.75 -12.47 -27.29
C PRO A 186 6.61 -11.36 -26.68
N ALA A 187 6.04 -10.63 -25.73
CA ALA A 187 6.73 -9.55 -25.05
C ALA A 187 6.53 -9.68 -23.55
N TYR A 188 7.54 -9.27 -22.80
CA TYR A 188 7.51 -9.34 -21.34
C TYR A 188 7.99 -8.03 -20.75
N TYR A 189 7.18 -7.44 -19.89
CA TYR A 189 7.48 -6.17 -19.24
C TYR A 189 7.62 -6.43 -17.74
N VAL A 190 8.78 -6.05 -17.19
CA VAL A 190 9.10 -6.32 -15.79
C VAL A 190 9.55 -5.03 -15.12
N GLU A 191 9.40 -5.01 -13.79
CA GLU A 191 10.04 -4.02 -12.94
C GLU A 191 10.82 -4.75 -11.86
N TYR A 192 11.94 -4.17 -11.44
CA TYR A 192 12.79 -4.82 -10.46
C TYR A 192 13.67 -3.80 -9.78
N LEU A 193 14.02 -4.09 -8.52
CA LEU A 193 14.92 -3.24 -7.76
C LEU A 193 16.36 -3.61 -8.06
N ILE A 194 17.24 -2.61 -7.98
CA ILE A 194 18.66 -2.79 -8.22
C ILE A 194 19.45 -2.24 -7.05
N LYS A 195 20.62 -2.82 -6.82
CA LYS A 195 21.54 -2.34 -5.80
C LYS A 195 22.90 -2.08 -6.44
N GLU A 196 23.74 -1.34 -5.72
CA GLU A 196 25.09 -1.08 -6.20
C GLU A 196 25.93 -2.34 -6.11
N ALA A 197 26.68 -2.63 -7.16
CA ALA A 197 27.60 -3.76 -7.14
C ALA A 197 28.75 -3.47 -6.17
N PRO A 198 29.18 -4.46 -5.38
CA PRO A 198 30.31 -4.21 -4.46
C PRO A 198 31.50 -3.58 -5.17
N CYS A 199 31.81 -2.34 -4.82
CA CYS A 199 32.91 -1.61 -5.45
C CYS A 199 33.08 -0.24 -4.80
N SER A 211 28.10 2.64 0.47
CA SER A 211 27.80 1.54 -0.44
C SER A 211 27.57 0.24 0.33
N ASP A 212 26.51 -0.47 -0.02
CA ASP A 212 26.17 -1.74 0.60
C ASP A 212 25.12 -2.42 -0.28
N SER A 213 24.57 -3.54 0.21
CA SER A 213 23.56 -4.29 -0.54
C SER A 213 22.17 -3.83 -0.11
N GLU A 214 21.83 -2.61 -0.52
CA GLU A 214 20.52 -2.03 -0.27
C GLU A 214 19.94 -1.51 -1.58
N PRO A 215 18.63 -1.61 -1.79
CA PRO A 215 18.05 -1.12 -3.05
C PRO A 215 18.35 0.36 -3.25
N VAL A 216 18.83 0.68 -4.45
CA VAL A 216 19.15 2.06 -4.81
C VAL A 216 18.19 2.62 -5.84
N GLY A 217 17.46 1.77 -6.56
CA GLY A 217 16.51 2.26 -7.54
C GLY A 217 15.61 1.14 -8.03
N ILE A 218 14.73 1.49 -8.95
CA ILE A 218 13.84 0.54 -9.59
C ILE A 218 13.95 0.72 -11.10
N CYS A 219 14.02 -0.38 -11.83
CA CYS A 219 14.19 -0.35 -13.28
C CYS A 219 12.99 -1.01 -13.96
N GLN A 220 12.72 -0.57 -15.18
CA GLN A 220 11.71 -1.18 -16.04
C GLN A 220 12.41 -1.83 -17.22
N GLY A 221 12.15 -3.12 -17.44
CA GLY A 221 12.79 -3.86 -18.51
C GLY A 221 11.77 -4.45 -19.47
N SER A 222 12.20 -4.73 -20.69
CA SER A 222 11.29 -5.18 -21.73
C SER A 222 12.04 -6.07 -22.72
N THR A 223 11.39 -7.15 -23.14
CA THR A 223 11.86 -7.97 -24.25
C THR A 223 10.71 -8.17 -25.23
N VAL A 224 11.04 -8.30 -26.51
CA VAL A 224 10.04 -8.52 -27.56
C VAL A 224 10.61 -9.49 -28.58
N GLN A 225 9.71 -10.23 -29.22
CA GLN A 225 10.07 -11.19 -30.25
C GLN A 225 10.81 -12.37 -29.65
N GLU A 238 17.87 -13.71 -29.80
CA GLU A 238 17.24 -13.03 -30.92
C GLU A 238 16.16 -12.07 -30.43
N LYS A 239 16.28 -11.61 -29.18
CA LYS A 239 15.31 -10.74 -28.57
C LYS A 239 15.79 -9.29 -28.60
N SER A 240 14.85 -8.36 -28.68
CA SER A 240 15.12 -6.94 -28.57
C SER A 240 14.81 -6.48 -27.15
N VAL A 241 15.67 -5.62 -26.61
CA VAL A 241 15.67 -5.29 -25.19
C VAL A 241 15.66 -3.78 -25.01
N THR A 242 14.89 -3.31 -24.03
CA THR A 242 14.88 -1.92 -23.62
C THR A 242 14.93 -1.86 -22.10
N VAL A 243 15.49 -0.77 -21.57
CA VAL A 243 15.71 -0.65 -20.13
C VAL A 243 15.75 0.83 -19.76
N THR A 244 15.08 1.16 -18.66
CA THR A 244 15.14 2.47 -18.05
C THR A 244 15.12 2.29 -16.54
N CYS A 245 15.85 3.15 -15.83
CA CYS A 245 15.98 3.02 -14.39
C CYS A 245 15.72 4.36 -13.71
N GLU A 246 15.24 4.27 -12.48
CA GLU A 246 14.95 5.43 -11.64
C GLU A 246 15.59 5.20 -10.28
N PHE A 247 16.35 6.17 -9.82
CA PHE A 247 17.08 6.06 -8.56
C PHE A 247 16.36 6.81 -7.46
N PHE A 248 16.34 6.22 -6.26
CA PHE A 248 15.59 6.77 -5.14
C PHE A 248 16.31 7.98 -4.56
N GLU A 249 15.54 9.00 -4.22
CA GLU A 249 16.06 10.21 -3.61
C GLU A 249 15.20 10.56 -2.39
N SER A 250 15.74 11.42 -1.53
CA SER A 250 15.09 11.73 -0.27
C SER A 250 13.75 12.44 -0.53
N GLN A 251 12.85 12.33 0.45
CA GLN A 251 11.57 13.00 0.39
C GLN A 251 10.98 13.17 1.79
N SER A 278 8.21 14.80 6.48
CA SER A 278 8.18 15.61 5.27
C SER A 278 6.77 16.10 4.99
N SER A 279 5.80 15.20 5.09
CA SER A 279 4.40 15.51 4.92
C SER A 279 3.66 15.45 6.25
N PRO A 280 2.38 15.85 6.28
CA PRO A 280 1.65 15.86 7.56
C PRO A 280 1.40 14.47 8.12
N SER A 281 2.46 13.79 8.51
CA SER A 281 2.37 12.50 9.19
C SER A 281 3.77 12.15 9.72
N VAL A 282 3.83 11.68 10.96
CA VAL A 282 5.10 11.59 11.69
C VAL A 282 5.61 10.14 11.78
N THR A 283 4.85 9.26 12.42
CA THR A 283 5.37 7.94 12.79
C THR A 283 4.31 6.87 12.58
N ALA A 284 4.77 5.66 12.23
CA ALA A 284 3.89 4.53 11.93
C ALA A 284 4.51 3.22 12.40
N PRO A 285 4.27 2.83 13.65
CA PRO A 285 4.71 1.52 14.13
C PRO A 285 3.94 0.31 13.61
N ARG A 286 4.22 -0.83 14.25
CA ARG A 286 4.00 -2.17 13.74
C ARG A 286 2.73 -2.32 12.91
N GLY A 287 2.88 -2.95 11.75
CA GLY A 287 1.78 -3.39 10.92
C GLY A 287 2.35 -4.16 9.75
N SER A 288 1.46 -4.84 9.02
CA SER A 288 1.87 -5.73 7.95
C SER A 288 0.89 -5.66 6.79
N ILE A 289 1.43 -5.79 5.58
CA ILE A 289 0.65 -5.89 4.36
C ILE A 289 0.86 -7.30 3.79
N GLN A 290 -0.23 -8.05 3.66
CA GLN A 290 -0.18 -9.39 3.11
C GLN A 290 -0.94 -9.45 1.80
N HIS A 291 -0.44 -10.26 0.86
CA HIS A 291 -1.03 -10.41 -0.46
C HIS A 291 -1.58 -11.82 -0.59
N LEU A 292 -2.90 -11.92 -0.68
CA LEU A 292 -3.56 -13.21 -0.90
C LEU A 292 -3.81 -13.41 -2.38
N PRO A 293 -4.15 -14.63 -2.80
CA PRO A 293 -4.39 -14.88 -4.23
C PRO A 293 -5.68 -14.25 -4.74
N GLU A 294 -5.91 -14.38 -6.04
CA GLU A 294 -7.13 -13.88 -6.66
C GLU A 294 -8.36 -14.55 -6.05
N LEU A 295 -9.53 -13.99 -6.36
CA LEU A 295 -10.81 -14.58 -6.01
C LEU A 295 -11.33 -15.35 -7.21
N ASP A 296 -11.51 -16.67 -7.05
CA ASP A 296 -12.01 -17.49 -8.14
C ASP A 296 -13.51 -17.35 -8.32
N ASP A 297 -14.26 -17.16 -7.23
CA ASP A 297 -15.71 -17.07 -7.28
C ASP A 297 -16.31 -18.25 -8.02
N PRO A 308 -17.31 -8.03 -2.00
CA PRO A 308 -18.18 -8.26 -0.85
C PRO A 308 -17.44 -8.11 0.48
N GLU A 309 -18.18 -8.18 1.59
CA GLU A 309 -17.56 -8.11 2.90
C GLU A 309 -16.78 -9.38 3.19
N GLU A 310 -15.67 -9.22 3.92
CA GLU A 310 -14.77 -10.32 4.28
C GLU A 310 -14.08 -10.94 3.07
N ALA A 311 -14.07 -10.25 1.92
CA ALA A 311 -13.17 -10.64 0.85
C ALA A 311 -11.72 -10.38 1.21
N PHE A 312 -11.47 -9.46 2.13
CA PHE A 312 -10.12 -9.11 2.57
C PHE A 312 -10.10 -9.15 4.10
N PRO A 313 -10.05 -10.34 4.68
CA PRO A 313 -10.02 -10.43 6.14
C PRO A 313 -8.77 -9.79 6.71
N VAL A 314 -8.97 -8.91 7.69
CA VAL A 314 -7.87 -8.18 8.33
C VAL A 314 -8.06 -8.26 9.84
N GLN A 315 -7.03 -8.71 10.54
CA GLN A 315 -7.03 -8.79 11.99
C GLN A 315 -6.18 -7.64 12.55
N LEU A 316 -6.78 -6.83 13.41
CA LEU A 316 -6.05 -5.77 14.12
C LEU A 316 -6.56 -5.76 15.55
N ASP A 317 -5.95 -6.58 16.40
CA ASP A 317 -6.36 -6.74 17.79
C ASP A 317 -5.15 -6.51 18.70
N LEU A 318 -4.96 -5.27 19.13
CA LEU A 318 -3.95 -5.00 20.14
C LEU A 318 -4.30 -5.67 21.46
N THR A 319 -5.58 -5.79 21.76
CA THR A 319 -6.05 -6.52 22.94
C THR A 319 -7.30 -7.29 22.57
N THR A 320 -7.40 -8.52 23.08
CA THR A 320 -8.61 -9.32 22.97
C THR A 320 -9.53 -9.15 24.16
N ASN A 321 -9.30 -8.12 24.98
CA ASN A 321 -10.02 -7.94 26.23
C ASN A 321 -11.13 -6.92 26.03
N PRO A 322 -12.41 -7.33 26.05
CA PRO A 322 -13.49 -6.35 25.90
C PRO A 322 -13.43 -5.24 26.94
N GLN A 323 -12.81 -5.49 28.09
CA GLN A 323 -12.63 -4.43 29.09
C GLN A 323 -11.89 -3.25 28.50
N GLY A 324 -10.82 -3.51 27.76
CA GLY A 324 -9.96 -2.48 27.21
C GLY A 324 -8.60 -2.50 27.89
N ASP A 325 -7.57 -2.22 27.12
CA ASP A 325 -6.20 -2.14 27.60
C ASP A 325 -5.70 -0.71 27.48
N THR A 326 -4.55 -0.45 28.11
CA THR A 326 -3.92 0.86 28.09
C THR A 326 -2.57 0.76 27.40
N LEU A 327 -2.29 1.71 26.52
CA LEU A 327 -1.04 1.79 25.78
C LEU A 327 -0.34 3.08 26.15
N ASP A 328 0.94 2.98 26.51
CA ASP A 328 1.71 4.15 26.92
C ASP A 328 2.24 4.87 25.70
N VAL A 329 1.89 6.15 25.55
CA VAL A 329 2.30 6.96 24.42
C VAL A 329 3.04 8.19 24.91
N SER A 330 3.74 8.06 26.05
CA SER A 330 4.40 9.20 26.65
C SER A 330 5.47 9.79 25.73
N PHE A 331 6.06 8.98 24.85
CA PHE A 331 7.10 9.49 23.96
C PHE A 331 6.56 10.54 23.00
N LEU A 332 5.24 10.61 22.82
CA LEU A 332 4.67 11.62 21.92
C LEU A 332 4.54 12.97 22.60
N TYR A 333 4.37 13.00 23.91
CA TYR A 333 4.08 14.21 24.65
C TYR A 333 5.31 14.69 25.40
N LEU A 334 5.30 15.98 25.74
CA LEU A 334 6.50 16.60 26.31
C LEU A 334 6.80 16.06 27.70
N GLU A 335 5.78 15.91 28.55
CA GLU A 335 6.01 15.35 29.87
C GLU A 335 6.47 13.91 29.76
N PRO A 336 7.22 13.41 30.74
CA PRO A 336 7.87 12.10 30.59
C PRO A 336 6.94 10.91 30.77
N GLY A 337 5.91 11.04 31.61
CA GLY A 337 5.09 9.89 31.98
C GLY A 337 3.62 10.23 32.08
N ASP A 338 2.82 9.19 32.32
CA ASP A 338 1.39 9.31 32.55
C ASP A 338 0.66 9.88 31.32
N LYS A 339 0.89 9.24 30.18
CA LYS A 339 0.16 9.51 28.94
C LYS A 339 -0.22 8.15 28.35
N LYS A 340 -1.38 7.63 28.76
CA LYS A 340 -1.82 6.29 28.40
C LYS A 340 -3.08 6.36 27.58
N LEU A 341 -3.13 5.54 26.53
CA LEU A 341 -4.24 5.51 25.58
C LEU A 341 -5.03 4.23 25.77
N VAL A 342 -6.35 4.34 25.81
CA VAL A 342 -7.20 3.17 25.91
C VAL A 342 -7.33 2.55 24.53
N VAL A 343 -7.08 1.25 24.43
CA VAL A 343 -7.26 0.49 23.20
C VAL A 343 -8.28 -0.61 23.46
N LEU A 344 -9.22 -0.77 22.55
CA LEU A 344 -10.21 -1.83 22.56
C LEU A 344 -9.96 -2.80 21.41
N PRO A 345 -10.57 -3.97 21.44
CA PRO A 345 -10.52 -4.84 20.25
C PRO A 345 -11.24 -4.17 19.09
N PHE A 346 -10.72 -4.39 17.89
CA PHE A 346 -11.23 -3.68 16.73
C PHE A 346 -12.73 -3.97 16.56
N PRO A 347 -13.55 -2.95 16.30
CA PRO A 347 -15.00 -3.18 16.22
C PRO A 347 -15.42 -3.90 14.95
N GLY A 348 -16.46 -4.72 15.09
CA GLY A 348 -17.02 -5.43 13.97
C GLY A 348 -17.87 -4.54 13.08
N LYS A 349 -18.46 -5.17 12.06
CA LYS A 349 -19.20 -4.46 11.04
C LYS A 349 -20.58 -4.01 11.48
N GLU A 350 -21.06 -4.46 12.63
CA GLU A 350 -22.36 -4.03 13.12
C GLU A 350 -22.24 -2.70 13.87
N GLN A 351 -23.37 -1.99 13.94
CA GLN A 351 -23.42 -0.63 14.48
C GLN A 351 -22.68 0.35 13.57
N ARG A 352 -22.72 0.09 12.27
CA ARG A 352 -22.02 0.92 11.29
C ARG A 352 -22.92 2.07 10.85
N SER A 353 -22.34 3.26 10.74
CA SER A 353 -23.10 4.43 10.33
C SER A 353 -23.70 4.22 8.95
N ALA A 354 -24.91 4.77 8.76
CA ALA A 354 -25.56 4.69 7.45
C ALA A 354 -24.79 5.46 6.39
N GLU A 355 -23.89 6.36 6.79
CA GLU A 355 -23.02 7.06 5.85
C GLU A 355 -21.74 6.31 5.57
N CYS A 356 -21.69 5.02 5.92
CA CYS A 356 -20.54 4.17 5.64
C CYS A 356 -20.99 2.93 4.87
N PRO A 357 -20.24 2.50 3.85
CA PRO A 357 -18.96 3.08 3.38
C PRO A 357 -19.15 4.40 2.65
N GLY A 358 -18.10 5.19 2.57
CA GLY A 358 -18.18 6.50 1.96
C GLY A 358 -18.21 6.44 0.45
N PRO A 359 -18.17 7.60 -0.20
CA PRO A 359 -18.18 7.63 -1.67
C PRO A 359 -16.81 7.33 -2.25
N GLU A 360 -16.78 6.42 -3.22
CA GLU A 360 -15.51 6.08 -3.86
C GLU A 360 -14.92 7.28 -4.58
N LYS A 361 -13.61 7.47 -4.42
CA LYS A 361 -12.93 8.57 -5.08
C LYS A 361 -12.57 8.24 -6.53
N GLU A 362 -12.31 6.98 -6.84
CA GLU A 362 -11.99 6.55 -8.19
C GLU A 362 -13.28 6.15 -8.89
N ASN A 363 -13.69 6.94 -9.88
CA ASN A 363 -14.82 6.61 -10.74
C ASN A 363 -14.38 6.30 -12.17
N ASN A 364 -13.09 6.41 -12.46
CA ASN A 364 -12.56 6.10 -13.78
C ASN A 364 -12.46 4.60 -13.95
N PRO A 365 -13.30 3.98 -14.78
CA PRO A 365 -13.25 2.51 -14.91
C PRO A 365 -11.94 1.99 -15.48
N LEU A 366 -11.08 2.87 -15.99
CA LEU A 366 -9.76 2.45 -16.45
C LEU A 366 -8.84 2.07 -15.30
N VAL A 367 -9.20 2.40 -14.06
CA VAL A 367 -8.40 2.06 -12.90
C VAL A 367 -9.19 1.31 -11.84
N LEU A 368 -10.47 1.03 -12.08
CA LEU A 368 -11.30 0.38 -11.08
C LEU A 368 -11.29 -1.13 -11.27
N PRO A 369 -11.35 -1.91 -10.20
CA PRO A 369 -11.61 -3.34 -10.33
C PRO A 369 -13.10 -3.59 -10.51
N PRO A 370 -13.49 -4.74 -11.07
CA PRO A 370 -14.90 -5.06 -11.31
C PRO A 370 -15.77 -4.91 -10.05
#